data_3Q48
#
_entry.id   3Q48
#
_cell.length_a   93.520
_cell.length_b   65.780
_cell.length_c   87.510
_cell.angle_alpha   90.000
_cell.angle_beta   105.950
_cell.angle_gamma   90.000
#
_symmetry.space_group_name_H-M   'C 1 2 1'
#
loop_
_entity.id
_entity.type
_entity.pdbx_description
1 polymer 'Chaperone CupB2'
2 water water
#
_entity_poly.entity_id   1
_entity_poly.type   'polypeptide(L)'
_entity_poly.pdbx_seq_one_letter_code
;MAPLMHRFHSFVAASAVAIALCVGTAHAGLIAQGTRVVFPASEREVTLRVSNTSGTPVLAQAWIDDGRQDVPPEELQVPF
SVTPAVTRVEPNGGAVLRIAYLKAPLPTDRESLFWLNILEVPPRDEDENNALQFSFRSRFKLFFRPSQLKSVDSAAGKLQ
WKFLESGGAGKKTVVQVNNPTPYYVSFASVELIVDGRVMSVGKGMVAPFSTKEFDWQGNPKNMEAASVRYEVINDYGGRN
THDRALGKRGSHHHHHH
;
_entity_poly.pdbx_strand_id   A,B
#
# COMPACT_ATOMS: atom_id res chain seq x y z
N ILE A 31 -19.10 -1.31 -23.49
CA ILE A 31 -18.35 -0.07 -23.13
C ILE A 31 -16.90 -0.37 -22.69
N ALA A 32 -15.95 -0.14 -23.60
CA ALA A 32 -14.49 -0.42 -23.36
C ALA A 32 -14.05 -1.89 -23.63
N GLN A 33 -13.06 -2.05 -24.49
CA GLN A 33 -12.42 -3.37 -24.66
C GLN A 33 -10.86 -3.34 -24.88
N GLY A 34 -10.06 -3.50 -23.80
CA GLY A 34 -10.40 -3.12 -22.43
C GLY A 34 -10.99 -4.07 -21.40
N THR A 35 -10.13 -4.64 -20.56
CA THR A 35 -10.50 -4.96 -19.20
C THR A 35 -9.44 -4.36 -18.23
N ARG A 36 -8.25 -4.07 -18.76
CA ARG A 36 -7.21 -3.42 -17.97
C ARG A 36 -6.36 -2.57 -18.88
N VAL A 37 -5.63 -1.59 -18.31
CA VAL A 37 -4.65 -0.79 -19.07
C VAL A 37 -3.20 -1.05 -18.58
N VAL A 38 -2.28 -1.38 -19.50
CA VAL A 38 -0.91 -1.51 -19.13
C VAL A 38 -0.20 -0.27 -19.59
N PHE A 39 0.49 0.38 -18.66
CA PHE A 39 1.15 1.58 -19.02
C PHE A 39 2.63 1.32 -18.89
N PRO A 40 3.32 1.20 -20.03
CA PRO A 40 4.77 0.93 -20.02
C PRO A 40 5.56 2.23 -19.82
N ALA A 41 6.48 2.21 -18.84
CA ALA A 41 7.30 3.40 -18.48
C ALA A 41 7.93 4.13 -19.67
N SER A 42 8.30 3.39 -20.73
CA SER A 42 8.92 4.04 -21.88
C SER A 42 7.96 5.01 -22.61
N GLU A 43 6.64 4.80 -22.48
CA GLU A 43 5.63 5.62 -23.22
C GLU A 43 5.36 7.00 -22.58
N ARG A 44 4.96 7.97 -23.38
CA ARG A 44 4.45 9.20 -22.81
C ARG A 44 2.93 9.17 -22.68
N GLU A 45 2.28 8.37 -23.53
CA GLU A 45 0.83 8.19 -23.51
C GLU A 45 0.41 6.84 -24.11
N VAL A 46 -0.78 6.34 -23.70
CA VAL A 46 -1.41 5.14 -24.29
C VAL A 46 -2.88 5.47 -24.52
N THR A 47 -3.45 4.96 -25.62
CA THR A 47 -4.85 5.18 -25.95
C THR A 47 -5.70 3.97 -25.60
N LEU A 48 -7.01 4.15 -25.67
CA LEU A 48 -8.00 3.19 -25.18
C LEU A 48 -9.30 3.53 -25.88
N ARG A 49 -10.00 2.53 -26.41
CA ARG A 49 -11.31 2.77 -27.07
C ARG A 49 -12.45 2.49 -26.11
N VAL A 50 -13.44 3.39 -26.12
CA VAL A 50 -14.70 3.16 -25.44
C VAL A 50 -15.83 3.20 -26.45
N SER A 51 -16.59 2.11 -26.58
CA SER A 51 -17.69 1.99 -27.52
C SER A 51 -19.03 2.25 -26.89
N ASN A 52 -19.90 2.89 -27.67
CA ASN A 52 -21.28 3.10 -27.30
C ASN A 52 -22.11 2.11 -28.11
N THR A 53 -22.59 1.08 -27.42
CA THR A 53 -23.21 -0.03 -28.15
C THR A 53 -24.71 0.21 -28.44
N SER A 54 -25.28 1.16 -27.69
CA SER A 54 -26.68 1.58 -27.84
C SER A 54 -27.00 2.47 -29.07
N GLY A 55 -28.25 2.92 -29.16
CA GLY A 55 -28.73 3.70 -30.30
C GLY A 55 -28.85 5.19 -30.02
N THR A 56 -28.50 5.62 -28.79
CA THR A 56 -28.47 7.05 -28.40
C THR A 56 -27.06 7.55 -28.08
N PRO A 57 -26.75 8.82 -28.39
CA PRO A 57 -25.46 9.37 -27.86
C PRO A 57 -25.36 9.37 -26.32
N VAL A 58 -24.15 9.22 -25.77
CA VAL A 58 -23.92 9.25 -24.35
C VAL A 58 -22.70 10.10 -24.11
N LEU A 59 -22.64 10.73 -22.93
CA LEU A 59 -21.40 11.36 -22.49
C LEU A 59 -20.60 10.39 -21.66
N ALA A 60 -19.32 10.33 -21.94
CA ALA A 60 -18.43 9.49 -21.18
C ALA A 60 -17.44 10.37 -20.43
N GLN A 61 -17.44 10.25 -19.09
CA GLN A 61 -16.45 10.93 -18.25
C GLN A 61 -15.44 9.90 -17.76
N ALA A 62 -14.17 10.29 -17.81
CA ALA A 62 -13.06 9.41 -17.58
C ALA A 62 -12.12 10.15 -16.65
N TRP A 63 -11.51 9.43 -15.70
CA TRP A 63 -10.59 9.99 -14.70
C TRP A 63 -9.88 8.84 -14.02
N ILE A 64 -8.69 9.12 -13.51
CA ILE A 64 -7.86 8.14 -12.82
C ILE A 64 -7.70 8.42 -11.34
N ASP A 65 -7.84 7.38 -10.53
CA ASP A 65 -7.51 7.51 -9.13
C ASP A 65 -6.47 6.48 -8.68
N ASP A 66 -6.03 6.54 -7.43
CA ASP A 66 -4.93 5.68 -6.96
C ASP A 66 -5.46 4.66 -5.98
N GLY A 67 -6.77 4.49 -5.95
CA GLY A 67 -7.49 3.49 -5.13
C GLY A 67 -8.51 4.10 -4.17
N ARG A 68 -8.29 5.36 -3.78
CA ARG A 68 -9.26 6.15 -3.04
C ARG A 68 -10.39 6.64 -3.97
N GLN A 69 -11.62 6.20 -3.70
CA GLN A 69 -12.80 6.56 -4.53
C GLN A 69 -13.70 7.49 -3.78
N ASP A 70 -13.23 7.93 -2.63
CA ASP A 70 -14.11 8.56 -1.69
C ASP A 70 -13.70 10.03 -1.52
N VAL A 71 -12.93 10.55 -2.48
CA VAL A 71 -12.46 11.93 -2.46
C VAL A 71 -12.35 12.48 -3.87
N PRO A 72 -12.56 13.79 -4.03
CA PRO A 72 -12.43 14.42 -5.35
C PRO A 72 -11.10 14.07 -5.97
N PRO A 73 -11.13 13.46 -7.16
CA PRO A 73 -9.93 12.91 -7.79
C PRO A 73 -8.74 13.89 -7.88
N GLU A 74 -9.02 15.17 -8.17
CA GLU A 74 -7.98 16.17 -8.37
C GLU A 74 -6.98 16.26 -7.21
N GLU A 75 -7.49 16.04 -6.01
CA GLU A 75 -6.74 16.21 -4.78
C GLU A 75 -5.78 15.04 -4.47
N LEU A 76 -5.83 14.00 -5.29
CA LEU A 76 -4.93 12.86 -5.17
C LEU A 76 -3.63 13.10 -5.95
N GLN A 77 -3.66 14.05 -6.89
CA GLN A 77 -2.52 14.41 -7.73
C GLN A 77 -1.84 13.16 -8.30
N VAL A 78 -2.63 12.24 -8.87
CA VAL A 78 -2.07 11.10 -9.56
C VAL A 78 -1.38 11.59 -10.82
N PRO A 79 -0.26 10.95 -11.20
CA PRO A 79 0.54 11.41 -12.34
C PRO A 79 -0.04 11.01 -13.70
N PHE A 80 -1.34 10.85 -13.79
CA PHE A 80 -1.95 10.59 -15.09
C PHE A 80 -3.05 11.61 -15.39
N SER A 81 -3.21 11.97 -16.66
CA SER A 81 -4.35 12.72 -17.11
C SER A 81 -5.10 11.88 -18.17
N VAL A 82 -6.40 12.11 -18.33
CA VAL A 82 -7.16 11.48 -19.39
C VAL A 82 -7.81 12.56 -20.22
N THR A 83 -7.47 12.54 -21.50
CA THR A 83 -7.94 13.50 -22.48
C THR A 83 -8.75 12.72 -23.50
N PRO A 84 -9.96 13.20 -23.84
CA PRO A 84 -10.64 14.30 -23.14
C PRO A 84 -11.38 13.75 -21.89
N ALA A 85 -11.59 14.58 -20.88
CA ALA A 85 -12.12 14.08 -19.59
C ALA A 85 -13.60 13.72 -19.72
N VAL A 86 -14.28 14.33 -20.67
CA VAL A 86 -15.69 14.10 -20.94
C VAL A 86 -15.81 14.01 -22.45
N THR A 87 -16.50 12.98 -22.92
CA THR A 87 -16.64 12.80 -24.36
C THR A 87 -18.03 12.25 -24.80
N ARG A 88 -18.53 12.79 -25.90
CA ARG A 88 -19.69 12.27 -26.55
C ARG A 88 -19.27 11.01 -27.32
N VAL A 89 -20.12 9.98 -27.29
CA VAL A 89 -19.82 8.77 -28.00
C VAL A 89 -21.05 8.50 -28.85
N GLU A 90 -20.88 8.50 -30.17
CA GLU A 90 -21.95 8.28 -31.10
C GLU A 90 -22.70 6.99 -30.84
N PRO A 91 -23.98 6.94 -31.25
CA PRO A 91 -24.67 5.66 -31.34
C PRO A 91 -23.91 4.69 -32.26
N ASN A 92 -23.70 3.46 -31.78
CA ASN A 92 -22.94 2.42 -32.50
C ASN A 92 -21.63 2.96 -32.99
N GLY A 93 -20.85 3.51 -32.08
CA GLY A 93 -19.68 4.25 -32.43
C GLY A 93 -18.72 4.10 -31.30
N GLY A 94 -17.63 4.84 -31.33
CA GLY A 94 -16.63 4.70 -30.29
C GLY A 94 -15.83 5.95 -30.20
N ALA A 95 -15.36 6.25 -29.00
CA ALA A 95 -14.41 7.33 -28.82
C ALA A 95 -13.07 6.80 -28.37
N VAL A 96 -12.07 7.65 -28.41
CA VAL A 96 -10.73 7.26 -28.09
C VAL A 96 -10.32 8.14 -26.93
N LEU A 97 -9.88 7.51 -25.85
CA LEU A 97 -9.41 8.28 -24.70
C LEU A 97 -7.91 8.15 -24.70
N ARG A 98 -7.25 9.20 -24.25
CA ARG A 98 -5.83 9.27 -24.28
C ARG A 98 -5.33 9.44 -22.88
N ILE A 99 -4.52 8.47 -22.43
CA ILE A 99 -3.86 8.50 -21.09
C ILE A 99 -2.38 8.90 -21.15
N ALA A 100 -2.04 10.04 -20.55
CA ALA A 100 -0.65 10.60 -20.50
C ALA A 100 -0.02 10.55 -19.12
N TYR A 101 1.24 10.12 -19.05
CA TYR A 101 1.99 10.06 -17.80
C TYR A 101 2.77 11.33 -17.57
N LEU A 102 2.63 11.96 -16.41
CA LEU A 102 3.57 13.05 -16.04
C LEU A 102 4.74 12.55 -15.19
N LYS A 103 5.90 12.37 -15.83
CA LYS A 103 7.10 11.86 -15.14
C LYS A 103 7.10 12.24 -13.64
N ALA A 104 6.77 11.27 -12.80
CA ALA A 104 6.72 11.47 -11.36
C ALA A 104 7.34 10.27 -10.65
N PRO A 105 7.92 10.47 -9.45
CA PRO A 105 8.53 9.36 -8.66
C PRO A 105 7.57 8.22 -8.28
N LEU A 106 7.70 7.09 -8.99
CA LEU A 106 6.97 5.86 -8.73
C LEU A 106 7.97 4.71 -8.57
N PRO A 107 7.62 3.65 -7.79
CA PRO A 107 8.66 2.64 -7.64
C PRO A 107 9.21 2.15 -8.97
N THR A 108 10.51 1.89 -8.99
CA THR A 108 11.29 1.53 -10.18
C THR A 108 11.44 -0.01 -10.29
N ASP A 109 11.15 -0.72 -9.20
CA ASP A 109 11.43 -2.18 -9.10
C ASP A 109 10.16 -3.06 -9.08
N ARG A 110 9.00 -2.41 -9.28
CA ARG A 110 7.71 -3.08 -9.25
C ARG A 110 6.65 -2.25 -9.95
N GLU A 111 5.63 -2.94 -10.42
CA GLU A 111 4.46 -2.31 -11.02
C GLU A 111 3.81 -1.40 -9.98
N SER A 112 3.21 -0.33 -10.46
CA SER A 112 2.23 0.46 -9.66
C SER A 112 0.80 0.32 -10.20
N LEU A 113 -0.13 0.32 -9.25
CA LEU A 113 -1.54 0.12 -9.53
C LEU A 113 -2.38 1.41 -9.40
N PHE A 114 -3.04 1.78 -10.50
CA PHE A 114 -4.01 2.88 -10.57
C PHE A 114 -5.34 2.40 -11.14
N TRP A 115 -6.36 3.24 -11.10
CA TRP A 115 -7.67 2.79 -11.53
C TRP A 115 -8.22 3.78 -12.51
N LEU A 116 -8.65 3.29 -13.66
CA LEU A 116 -9.36 4.13 -14.61
C LEU A 116 -10.83 3.98 -14.36
N ASN A 117 -11.52 5.12 -14.19
CA ASN A 117 -12.97 5.12 -14.04
C ASN A 117 -13.62 5.66 -15.33
N ILE A 118 -14.72 5.07 -15.76
CA ILE A 118 -15.49 5.57 -16.90
C ILE A 118 -16.90 5.66 -16.41
N LEU A 119 -17.49 6.85 -16.51
CA LEU A 119 -18.87 7.05 -16.10
C LEU A 119 -19.69 7.49 -17.30
N GLU A 120 -20.78 6.76 -17.52
CA GLU A 120 -21.73 7.04 -18.59
C GLU A 120 -22.84 7.91 -18.01
N VAL A 121 -23.00 9.08 -18.57
CA VAL A 121 -24.05 9.98 -18.11
C VAL A 121 -24.89 10.04 -19.36
N PRO A 122 -25.82 9.11 -19.50
CA PRO A 122 -26.27 8.80 -20.87
C PRO A 122 -27.71 9.11 -21.17
N PRO A 123 -28.18 10.37 -20.87
CA PRO A 123 -29.64 10.57 -20.84
C PRO A 123 -30.16 11.95 -21.33
N ARG A 124 -30.95 12.66 -20.52
CA ARG A 124 -31.48 12.18 -19.22
C ARG A 124 -32.02 13.25 -18.28
N PHE A 134 -30.22 5.93 -13.04
CA PHE A 134 -29.91 6.77 -14.19
C PHE A 134 -28.60 6.33 -14.93
N SER A 135 -27.42 6.69 -14.37
CA SER A 135 -26.07 6.56 -15.02
C SER A 135 -25.21 5.40 -14.50
N PHE A 136 -24.29 4.88 -15.32
CA PHE A 136 -23.51 3.65 -15.00
C PHE A 136 -21.96 3.84 -14.98
N ARG A 137 -21.28 3.23 -13.99
CA ARG A 137 -19.87 3.54 -13.73
C ARG A 137 -18.97 2.35 -13.79
N SER A 138 -17.92 2.41 -14.62
CA SER A 138 -16.94 1.32 -14.76
C SER A 138 -15.56 1.64 -14.19
N ARG A 139 -14.87 0.59 -13.75
CA ARG A 139 -13.62 0.73 -13.02
C ARG A 139 -12.57 -0.30 -13.44
N PHE A 140 -11.52 0.14 -14.17
CA PHE A 140 -10.40 -0.72 -14.75
C PHE A 140 -9.02 -0.56 -14.09
N LYS A 141 -8.29 -1.67 -13.94
CA LYS A 141 -6.99 -1.59 -13.36
C LYS A 141 -6.07 -0.92 -14.35
N LEU A 142 -5.23 -0.02 -13.85
CA LEU A 142 -4.12 0.52 -14.64
C LEU A 142 -2.76 0.11 -14.01
N PHE A 143 -1.97 -0.63 -14.75
CA PHE A 143 -0.67 -1.07 -14.28
C PHE A 143 0.47 -0.22 -14.90
N PHE A 144 1.10 0.60 -14.06
CA PHE A 144 2.31 1.27 -14.51
C PHE A 144 3.44 0.29 -14.36
N ARG A 145 4.14 0.03 -15.47
CA ARG A 145 5.15 -1.00 -15.52
C ARG A 145 6.55 -0.47 -15.94
N PRO A 146 7.48 -0.38 -14.97
CA PRO A 146 8.84 0.00 -15.33
C PRO A 146 9.43 -0.92 -16.43
N SER A 147 10.23 -0.30 -17.32
CA SER A 147 10.81 -0.94 -18.51
C SER A 147 11.53 -2.23 -18.26
N GLN A 148 12.34 -2.27 -17.22
CA GLN A 148 13.10 -3.47 -16.95
C GLN A 148 12.27 -4.67 -16.48
N LEU A 149 10.94 -4.52 -16.38
CA LEU A 149 10.05 -5.65 -16.00
C LEU A 149 9.46 -6.38 -17.22
N LYS A 150 10.14 -7.44 -17.64
CA LYS A 150 9.88 -8.07 -18.94
C LYS A 150 9.29 -9.46 -18.78
N SER A 151 9.08 -9.87 -17.53
CA SER A 151 8.71 -11.25 -17.23
C SER A 151 7.34 -11.39 -16.58
N VAL A 152 6.45 -10.45 -16.84
CA VAL A 152 5.09 -10.60 -16.31
C VAL A 152 4.51 -11.98 -16.66
N ASP A 153 4.75 -12.47 -17.88
CA ASP A 153 4.18 -13.74 -18.31
C ASP A 153 4.58 -14.94 -17.42
N SER A 154 5.67 -14.79 -16.65
CA SER A 154 6.15 -15.87 -15.82
C SER A 154 5.64 -15.79 -14.39
N ALA A 155 4.98 -14.70 -14.06
CA ALA A 155 4.78 -14.39 -12.66
C ALA A 155 3.85 -15.37 -11.93
N ALA A 156 2.68 -15.62 -12.54
CA ALA A 156 1.65 -16.44 -11.89
C ALA A 156 2.25 -17.79 -11.50
N GLY A 157 3.21 -18.27 -12.28
CA GLY A 157 3.85 -19.54 -11.99
C GLY A 157 4.95 -19.53 -10.92
N LYS A 158 5.23 -18.39 -10.27
CA LYS A 158 6.23 -18.39 -9.19
C LYS A 158 5.55 -18.19 -7.85
N LEU A 159 4.24 -18.09 -7.87
CA LEU A 159 3.48 -17.97 -6.63
C LEU A 159 3.71 -19.24 -5.83
N GLN A 160 3.84 -19.13 -4.53
CA GLN A 160 3.92 -20.35 -3.74
C GLN A 160 2.75 -20.43 -2.80
N TRP A 161 2.29 -21.62 -2.55
CA TRP A 161 1.02 -21.72 -1.81
C TRP A 161 1.18 -22.50 -0.54
N LYS A 162 0.36 -22.19 0.45
CA LYS A 162 0.38 -22.95 1.69
C LYS A 162 -0.93 -22.84 2.49
N PHE A 163 -1.14 -23.85 3.34
CA PHE A 163 -2.22 -23.83 4.31
C PHE A 163 -1.86 -22.98 5.51
N LEU A 164 -2.88 -22.31 6.06
CA LEU A 164 -2.83 -21.72 7.41
C LEU A 164 -3.86 -22.44 8.28
N GLU A 165 -4.87 -23.02 7.61
CA GLU A 165 -5.91 -23.82 8.25
C GLU A 165 -6.43 -24.87 7.28
N VAL A 174 -8.22 -22.13 5.26
CA VAL A 174 -7.37 -20.92 5.21
C VAL A 174 -6.06 -21.18 4.44
N VAL A 175 -5.93 -20.57 3.26
CA VAL A 175 -4.74 -20.79 2.44
C VAL A 175 -4.13 -19.48 2.01
N GLN A 176 -2.85 -19.52 1.69
CA GLN A 176 -2.13 -18.30 1.43
C GLN A 176 -1.30 -18.47 0.18
N VAL A 177 -1.27 -17.42 -0.63
CA VAL A 177 -0.34 -17.34 -1.75
C VAL A 177 0.71 -16.30 -1.43
N ASN A 178 1.96 -16.60 -1.77
CA ASN A 178 3.02 -15.59 -1.68
C ASN A 178 3.49 -15.21 -3.06
N ASN A 179 3.41 -13.92 -3.35
CA ASN A 179 3.85 -13.35 -4.60
C ASN A 179 5.21 -12.66 -4.42
N PRO A 180 6.26 -13.41 -4.75
CA PRO A 180 7.63 -13.02 -4.61
C PRO A 180 8.13 -12.35 -5.92
N THR A 181 7.23 -11.73 -6.67
CA THR A 181 7.56 -11.14 -7.97
C THR A 181 7.23 -9.63 -8.01
N PRO A 182 7.72 -8.91 -9.05
CA PRO A 182 7.39 -7.46 -9.08
C PRO A 182 6.02 -7.08 -9.64
N TYR A 183 5.19 -8.07 -10.01
CA TYR A 183 3.96 -7.87 -10.80
C TYR A 183 2.74 -8.13 -9.98
N TYR A 184 1.66 -7.40 -10.25
CA TYR A 184 0.37 -7.80 -9.73
C TYR A 184 0.03 -9.11 -10.43
N VAL A 185 -0.70 -9.97 -9.74
CA VAL A 185 -1.21 -11.15 -10.38
C VAL A 185 -2.67 -11.14 -10.07
N SER A 186 -3.50 -11.09 -11.09
CA SER A 186 -4.96 -11.08 -10.90
C SER A 186 -5.56 -12.45 -11.15
N PHE A 187 -6.33 -12.95 -10.20
CA PHE A 187 -6.96 -14.25 -10.30
C PHE A 187 -8.42 -14.14 -10.70
N ALA A 188 -8.83 -14.84 -11.77
CA ALA A 188 -10.25 -14.94 -12.11
C ALA A 188 -10.91 -16.00 -11.26
N SER A 189 -10.11 -16.93 -10.75
CA SER A 189 -10.65 -18.01 -9.90
C SER A 189 -9.52 -18.70 -9.25
N VAL A 190 -9.77 -19.20 -8.03
CA VAL A 190 -8.82 -19.96 -7.26
C VAL A 190 -9.63 -21.09 -6.68
N GLU A 191 -9.09 -22.30 -6.71
CA GLU A 191 -9.84 -23.47 -6.32
C GLU A 191 -8.90 -24.42 -5.65
N LEU A 192 -9.43 -25.06 -4.60
CA LEU A 192 -8.84 -26.23 -3.95
C LEU A 192 -9.43 -27.46 -4.61
N ILE A 193 -8.58 -28.47 -4.87
CA ILE A 193 -8.99 -29.72 -5.55
C ILE A 193 -8.48 -30.92 -4.77
N VAL A 194 -9.35 -31.90 -4.53
CA VAL A 194 -8.96 -33.12 -3.86
C VAL A 194 -9.68 -34.25 -4.52
N ASP A 195 -8.95 -35.13 -5.21
CA ASP A 195 -9.56 -36.26 -5.96
C ASP A 195 -10.71 -35.83 -6.90
N GLY A 196 -10.52 -34.73 -7.62
CA GLY A 196 -11.50 -34.17 -8.55
C GLY A 196 -12.56 -33.23 -7.95
N ARG A 197 -12.58 -33.10 -6.63
CA ARG A 197 -13.63 -32.31 -5.93
C ARG A 197 -13.17 -30.90 -5.93
N VAL A 198 -13.99 -29.97 -6.37
CA VAL A 198 -13.52 -28.61 -6.49
C VAL A 198 -14.15 -27.82 -5.37
N MET A 199 -13.34 -27.03 -4.68
CA MET A 199 -13.84 -26.13 -3.64
C MET A 199 -13.33 -24.75 -3.97
N SER A 200 -14.24 -23.89 -4.36
CA SER A 200 -13.89 -22.58 -4.83
C SER A 200 -13.58 -21.64 -3.68
N VAL A 201 -12.40 -21.00 -3.71
CA VAL A 201 -12.06 -20.06 -2.63
C VAL A 201 -12.09 -18.57 -3.02
N GLY A 202 -12.50 -18.21 -4.23
CA GLY A 202 -12.61 -16.83 -4.55
C GLY A 202 -11.64 -16.37 -5.64
N LYS A 203 -11.80 -15.11 -6.03
CA LYS A 203 -10.91 -14.46 -6.96
C LYS A 203 -10.22 -13.32 -6.22
N GLY A 204 -9.44 -12.52 -6.94
CA GLY A 204 -8.76 -11.42 -6.30
C GLY A 204 -7.46 -11.13 -6.99
N MET A 205 -6.59 -10.45 -6.27
CA MET A 205 -5.36 -9.96 -6.84
C MET A 205 -4.37 -9.92 -5.71
N VAL A 206 -3.15 -10.31 -6.03
CA VAL A 206 -2.07 -10.26 -5.10
C VAL A 206 -1.05 -9.27 -5.71
N ALA A 207 -0.60 -8.38 -4.85
CA ALA A 207 0.28 -7.27 -5.16
C ALA A 207 1.72 -7.79 -5.17
N PRO A 208 2.62 -7.13 -5.91
CA PRO A 208 4.02 -7.54 -5.91
C PRO A 208 4.59 -7.67 -4.47
N PHE A 209 5.44 -8.67 -4.24
CA PHE A 209 6.12 -8.80 -2.97
C PHE A 209 5.12 -8.80 -1.78
N SER A 210 3.98 -9.45 -1.99
CA SER A 210 2.92 -9.54 -0.95
C SER A 210 2.29 -10.91 -0.84
N THR A 211 1.44 -11.06 0.15
CA THR A 211 0.75 -12.32 0.39
C THR A 211 -0.75 -12.08 0.36
N LYS A 212 -1.51 -13.01 -0.19
CA LYS A 212 -2.95 -12.95 -0.09
C LYS A 212 -3.47 -14.20 0.60
N GLU A 213 -4.51 -14.06 1.41
CA GLU A 213 -5.15 -15.19 2.07
C GLU A 213 -6.51 -15.50 1.45
N PHE A 214 -6.80 -16.77 1.28
CA PHE A 214 -8.08 -17.19 0.73
C PHE A 214 -8.68 -18.11 1.79
N ASP A 215 -9.97 -18.04 2.04
CA ASP A 215 -10.50 -18.95 3.02
C ASP A 215 -11.59 -19.86 2.49
N TRP A 216 -11.65 -21.07 3.03
CA TRP A 216 -12.72 -22.00 2.73
C TRP A 216 -13.54 -22.27 3.98
N MET A 223 -7.39 -30.85 5.56
CA MET A 223 -8.09 -31.17 4.29
C MET A 223 -7.46 -30.53 3.03
N GLU A 224 -6.44 -31.16 2.45
CA GLU A 224 -5.81 -32.42 2.93
C GLU A 224 -4.69 -32.78 1.96
N ALA A 225 -5.01 -33.61 0.97
CA ALA A 225 -4.12 -33.94 -0.14
C ALA A 225 -4.31 -32.89 -1.26
N ALA A 226 -4.77 -31.71 -0.84
CA ALA A 226 -5.15 -30.62 -1.75
C ALA A 226 -4.06 -30.12 -2.67
N SER A 227 -4.52 -29.74 -3.86
CA SER A 227 -3.73 -29.08 -4.86
C SER A 227 -4.43 -27.74 -5.01
N VAL A 228 -3.77 -26.72 -5.51
CA VAL A 228 -4.49 -25.49 -5.83
C VAL A 228 -4.57 -25.31 -7.36
N ARG A 229 -5.72 -24.89 -7.89
CA ARG A 229 -5.83 -24.58 -9.34
C ARG A 229 -6.26 -23.17 -9.49
N TYR A 230 -5.52 -22.38 -10.27
CA TYR A 230 -5.86 -21.01 -10.36
C TYR A 230 -5.71 -20.44 -11.76
N GLU A 231 -6.54 -19.44 -12.09
CA GLU A 231 -6.55 -18.85 -13.40
C GLU A 231 -6.23 -17.41 -13.24
N VAL A 232 -5.34 -16.89 -14.09
CA VAL A 232 -4.94 -15.55 -13.98
C VAL A 232 -5.22 -14.77 -15.26
N ILE A 233 -5.51 -13.48 -15.13
CA ILE A 233 -5.80 -12.61 -16.24
C ILE A 233 -4.52 -11.97 -16.76
N ASN A 234 -4.22 -12.16 -18.04
CA ASN A 234 -3.02 -11.58 -18.62
C ASN A 234 -3.27 -10.12 -18.99
N ASP A 235 -2.28 -9.46 -19.60
CA ASP A 235 -2.32 -8.04 -20.01
C ASP A 235 -3.47 -7.72 -20.96
N TYR A 236 -3.89 -8.72 -21.74
CA TYR A 236 -4.94 -8.55 -22.79
C TYR A 236 -6.29 -9.11 -22.42
N GLY A 237 -6.47 -9.50 -21.16
CA GLY A 237 -7.79 -9.95 -20.70
C GLY A 237 -7.98 -11.45 -20.90
N GLY A 238 -7.00 -12.12 -21.51
CA GLY A 238 -7.02 -13.59 -21.62
C GLY A 238 -6.66 -14.27 -20.31
N ARG A 239 -6.80 -15.58 -20.26
CA ARG A 239 -6.63 -16.28 -19.01
C ARG A 239 -5.69 -17.44 -19.23
N ASN A 240 -4.89 -17.73 -18.22
CA ASN A 240 -4.00 -18.86 -18.22
C ASN A 240 -4.26 -19.59 -16.91
N THR A 241 -4.00 -20.90 -16.87
CA THR A 241 -4.24 -21.68 -15.67
C THR A 241 -3.00 -22.44 -15.13
N HIS A 242 -3.00 -22.71 -13.83
CA HIS A 242 -1.87 -23.32 -13.18
C HIS A 242 -2.41 -24.20 -12.07
N ASP A 243 -1.76 -25.36 -11.90
CA ASP A 243 -1.94 -26.21 -10.73
C ASP A 243 -0.67 -26.18 -9.85
N ARG A 244 -0.83 -26.13 -8.52
CA ARG A 244 0.32 -26.29 -7.63
C ARG A 244 -0.07 -27.08 -6.41
N ALA A 245 0.89 -27.70 -5.74
CA ALA A 245 0.68 -28.32 -4.43
C ALA A 245 0.69 -27.24 -3.35
N LEU A 246 -0.02 -27.49 -2.25
CA LEU A 246 0.06 -26.65 -1.03
C LEU A 246 1.16 -27.07 -0.08
N GLY A 247 1.99 -26.11 0.31
CA GLY A 247 2.94 -26.28 1.42
C GLY A 247 2.18 -26.61 2.69
N ILE B 31 1.99 16.48 24.99
CA ILE B 31 3.44 16.14 25.15
C ILE B 31 3.78 14.64 25.57
N ALA B 32 3.80 13.72 24.59
CA ALA B 32 3.94 12.27 24.88
C ALA B 32 5.38 11.79 25.11
N GLN B 33 5.53 10.56 25.63
CA GLN B 33 6.82 9.89 25.73
C GLN B 33 6.68 8.35 26.00
N GLY B 34 6.98 7.50 24.99
CA GLY B 34 7.88 7.83 23.87
C GLY B 34 7.42 8.43 22.55
N THR B 35 8.08 8.03 21.47
CA THR B 35 7.90 8.62 20.16
C THR B 35 7.09 7.70 19.23
N ARG B 36 6.91 6.44 19.61
CA ARG B 36 6.14 5.46 18.80
C ARG B 36 5.40 4.46 19.67
N VAL B 37 4.37 3.84 19.12
CA VAL B 37 3.64 2.80 19.85
C VAL B 37 3.71 1.46 19.14
N VAL B 38 4.16 0.45 19.87
CA VAL B 38 4.18 -0.87 19.34
C VAL B 38 3.01 -1.62 19.90
N PHE B 39 2.14 -2.02 18.98
CA PHE B 39 0.99 -2.79 19.33
C PHE B 39 1.25 -4.24 18.99
N PRO B 40 1.44 -5.08 20.00
CA PRO B 40 1.69 -6.50 19.68
C PRO B 40 0.37 -7.20 19.42
N ALA B 41 0.30 -7.89 18.30
CA ALA B 41 -0.94 -8.61 17.94
C ALA B 41 -1.60 -9.47 19.01
N SER B 42 -0.87 -9.95 20.01
CA SER B 42 -1.51 -10.80 21.01
C SER B 42 -2.11 -10.01 22.16
N GLU B 43 -1.91 -8.68 22.18
CA GLU B 43 -2.57 -7.78 23.16
C GLU B 43 -3.98 -7.34 22.70
N ARG B 44 -4.82 -6.98 23.67
CA ARG B 44 -6.09 -6.30 23.40
C ARG B 44 -5.99 -4.80 23.60
N GLU B 45 -5.10 -4.37 24.50
CA GLU B 45 -4.81 -2.95 24.70
C GLU B 45 -3.36 -2.71 25.12
N VAL B 46 -2.86 -1.51 24.81
CA VAL B 46 -1.62 -1.00 25.38
C VAL B 46 -1.95 0.39 25.89
N THR B 47 -1.16 0.87 26.84
CA THR B 47 -1.35 2.22 27.38
C THR B 47 -0.17 3.14 27.04
N LEU B 48 -0.39 4.44 26.98
CA LEU B 48 0.73 5.33 26.98
C LEU B 48 0.46 6.58 27.80
N ARG B 49 1.53 7.20 28.28
CA ARG B 49 1.36 8.38 29.09
C ARG B 49 1.54 9.64 28.27
N VAL B 50 0.73 10.67 28.54
CA VAL B 50 1.02 11.99 28.04
C VAL B 50 1.23 12.87 29.23
N SER B 51 2.26 13.72 29.16
CA SER B 51 2.64 14.58 30.25
C SER B 51 2.35 16.01 29.88
N ASN B 52 1.65 16.70 30.78
CA ASN B 52 1.53 18.15 30.73
C ASN B 52 2.62 18.76 31.61
N THR B 53 3.66 19.21 30.92
CA THR B 53 4.82 19.80 31.55
C THR B 53 4.67 21.29 31.82
N SER B 54 3.49 21.84 31.59
CA SER B 54 3.23 23.25 31.85
C SER B 54 2.45 23.48 33.17
N GLY B 55 2.28 24.76 33.52
CA GLY B 55 1.59 25.14 34.72
C GLY B 55 0.14 25.56 34.54
N THR B 56 -0.48 25.16 33.43
CA THR B 56 -1.94 25.40 33.25
C THR B 56 -2.55 24.14 32.65
N PRO B 57 -3.74 23.75 33.12
CA PRO B 57 -4.35 22.53 32.57
C PRO B 57 -4.49 22.62 31.04
N VAL B 58 -4.45 21.47 30.37
CA VAL B 58 -4.81 21.38 28.97
C VAL B 58 -5.83 20.27 28.72
N LEU B 59 -6.72 20.48 27.74
CA LEU B 59 -7.53 19.40 27.19
C LEU B 59 -6.80 18.66 26.05
N ALA B 60 -6.78 17.34 26.12
CA ALA B 60 -6.08 16.54 25.12
C ALA B 60 -7.07 15.71 24.34
N GLN B 61 -7.06 15.83 23.02
CA GLN B 61 -7.90 14.98 22.22
C GLN B 61 -7.04 13.99 21.43
N ALA B 62 -7.42 12.73 21.47
CA ALA B 62 -6.62 11.68 20.88
C ALA B 62 -7.50 10.78 20.01
N TRP B 63 -6.92 10.35 18.90
CA TRP B 63 -7.59 9.54 17.89
C TRP B 63 -6.52 8.88 16.98
N ILE B 64 -6.90 7.80 16.29
CA ILE B 64 -6.00 7.06 15.41
C ILE B 64 -6.52 7.16 13.98
N ASP B 65 -5.63 7.38 13.02
CA ASP B 65 -5.98 7.19 11.62
C ASP B 65 -4.99 6.20 10.94
N ASP B 66 -5.20 5.91 9.67
CA ASP B 66 -4.42 4.88 9.01
C ASP B 66 -3.57 5.55 7.98
N GLY B 67 -3.26 6.84 8.17
CA GLY B 67 -2.43 7.59 7.22
C GLY B 67 -3.20 8.67 6.51
N ARG B 68 -4.52 8.46 6.32
CA ARG B 68 -5.41 9.44 5.78
C ARG B 68 -5.87 10.50 6.81
N GLN B 69 -5.31 11.71 6.70
CA GLN B 69 -5.63 12.85 7.55
C GLN B 69 -6.72 13.77 7.05
N ASP B 70 -7.31 13.46 5.91
CA ASP B 70 -8.21 14.41 5.22
C ASP B 70 -9.67 13.98 5.19
N VAL B 71 -10.01 12.93 5.94
CA VAL B 71 -11.39 12.60 6.17
C VAL B 71 -11.60 12.41 7.65
N PRO B 72 -12.85 12.55 8.11
CA PRO B 72 -13.18 12.28 9.50
C PRO B 72 -12.68 10.90 9.90
N PRO B 73 -11.91 10.81 10.99
CA PRO B 73 -11.36 9.51 11.38
C PRO B 73 -12.41 8.39 11.51
N GLU B 74 -13.60 8.68 12.02
CA GLU B 74 -14.61 7.64 12.19
C GLU B 74 -14.93 6.84 10.92
N GLU B 75 -14.69 7.44 9.76
CA GLU B 75 -15.03 6.82 8.47
C GLU B 75 -13.91 5.95 7.90
N LEU B 76 -12.75 5.94 8.55
CA LEU B 76 -11.68 4.98 8.24
C LEU B 76 -11.97 3.56 8.81
N GLN B 77 -12.88 3.48 9.77
CA GLN B 77 -13.17 2.23 10.47
C GLN B 77 -11.86 1.49 10.89
N VAL B 78 -10.88 2.25 11.48
CA VAL B 78 -9.62 1.70 12.02
C VAL B 78 -9.91 0.77 13.18
N PRO B 79 -9.20 -0.35 13.27
CA PRO B 79 -9.57 -1.29 14.30
C PRO B 79 -9.01 -0.93 15.68
N PHE B 80 -8.74 0.35 15.90
CA PHE B 80 -8.26 0.80 17.20
C PHE B 80 -9.18 1.84 17.73
N SER B 81 -9.26 1.95 19.04
CA SER B 81 -9.90 3.11 19.68
C SER B 81 -8.96 3.65 20.78
N VAL B 82 -9.15 4.92 21.15
CA VAL B 82 -8.39 5.51 22.25
C VAL B 82 -9.37 6.07 23.27
N THR B 83 -9.28 5.57 24.50
CA THR B 83 -10.07 5.95 25.65
C THR B 83 -9.11 6.50 26.65
N PRO B 84 -9.41 7.67 27.26
CA PRO B 84 -10.55 8.57 26.95
C PRO B 84 -10.20 9.39 25.71
N ALA B 85 -11.17 9.60 24.83
CA ALA B 85 -10.93 10.36 23.61
C ALA B 85 -10.57 11.82 23.90
N VAL B 86 -11.15 12.40 24.96
CA VAL B 86 -10.75 13.75 25.35
C VAL B 86 -10.41 13.69 26.81
N THR B 87 -9.31 14.34 27.18
CA THR B 87 -8.84 14.23 28.56
C THR B 87 -8.18 15.53 29.06
N ARG B 88 -8.45 15.87 30.32
CA ARG B 88 -7.93 17.09 30.95
C ARG B 88 -6.68 16.69 31.65
N VAL B 89 -5.57 17.30 31.29
CA VAL B 89 -4.30 16.89 31.88
C VAL B 89 -3.85 17.97 32.85
N GLU B 90 -3.70 17.63 34.12
CA GLU B 90 -3.27 18.59 35.15
C GLU B 90 -1.99 19.35 34.76
N PRO B 91 -1.85 20.60 35.22
CA PRO B 91 -0.53 21.19 35.24
C PRO B 91 0.41 20.27 35.98
N ASN B 92 1.66 20.20 35.51
CA ASN B 92 2.71 19.46 36.20
C ASN B 92 2.39 17.98 36.43
N GLY B 93 1.47 17.42 35.64
CA GLY B 93 1.10 16.04 35.79
C GLY B 93 0.92 15.26 34.51
N GLY B 94 0.08 14.22 34.57
CA GLY B 94 0.03 13.23 33.48
C GLY B 94 -1.27 12.45 33.40
N ALA B 95 -1.45 11.81 32.27
CA ALA B 95 -2.71 11.12 31.97
C ALA B 95 -2.31 9.89 31.23
N VAL B 96 -3.17 8.91 31.17
CA VAL B 96 -2.84 7.64 30.59
C VAL B 96 -3.90 7.44 29.52
N LEU B 97 -3.50 7.09 28.30
CA LEU B 97 -4.44 6.79 27.26
C LEU B 97 -4.37 5.30 26.98
N ARG B 98 -5.53 4.71 26.64
CA ARG B 98 -5.65 3.27 26.41
C ARG B 98 -5.99 3.00 24.98
N ILE B 99 -5.13 2.23 24.31
CA ILE B 99 -5.34 1.89 22.92
C ILE B 99 -5.79 0.44 22.80
N ALA B 100 -7.02 0.29 22.32
CA ALA B 100 -7.66 -1.01 22.24
C ALA B 100 -7.75 -1.52 20.79
N TYR B 101 -7.39 -2.77 20.58
CA TYR B 101 -7.53 -3.36 19.30
C TYR B 101 -8.83 -4.18 19.22
N LEU B 102 -9.66 -3.87 18.22
CA LEU B 102 -10.78 -4.69 17.83
C LEU B 102 -10.28 -5.60 16.73
N LYS B 103 -10.28 -6.90 16.96
CA LYS B 103 -9.69 -7.83 15.98
C LYS B 103 -10.34 -7.69 14.61
N ALA B 104 -9.56 -7.25 13.64
CA ALA B 104 -10.03 -7.17 12.27
C ALA B 104 -8.87 -7.66 11.40
N PRO B 105 -9.18 -8.13 10.18
CA PRO B 105 -8.08 -8.66 9.37
C PRO B 105 -7.05 -7.59 8.99
N LEU B 106 -5.86 -7.69 9.55
CA LEU B 106 -4.74 -6.89 9.06
C LEU B 106 -3.74 -7.88 8.46
N PRO B 107 -2.80 -7.41 7.60
CA PRO B 107 -1.88 -8.48 7.17
C PRO B 107 -1.22 -9.22 8.36
N THR B 108 -0.93 -10.50 8.11
CA THR B 108 -0.28 -11.41 9.04
C THR B 108 1.23 -11.53 8.74
N ASP B 109 1.66 -11.18 7.52
CA ASP B 109 3.05 -11.34 7.17
C ASP B 109 3.97 -10.13 7.43
N ARG B 110 3.40 -9.00 7.83
CA ARG B 110 4.19 -7.80 8.03
C ARG B 110 3.54 -6.89 9.06
N GLU B 111 4.31 -5.92 9.52
CA GLU B 111 3.77 -4.86 10.37
C GLU B 111 2.80 -4.01 9.57
N SER B 112 1.77 -3.49 10.25
CA SER B 112 0.91 -2.48 9.71
C SER B 112 1.15 -1.20 10.54
N LEU B 113 0.92 -0.05 9.88
CA LEU B 113 1.28 1.29 10.33
C LEU B 113 0.02 2.12 10.47
N PHE B 114 -0.25 2.59 11.68
CA PHE B 114 -1.32 3.52 11.92
C PHE B 114 -0.75 4.73 12.57
N TRP B 115 -1.59 5.72 12.81
CA TRP B 115 -1.07 6.90 13.35
C TRP B 115 -1.88 7.34 14.51
N LEU B 116 -1.20 7.62 15.64
CA LEU B 116 -1.83 8.21 16.82
C LEU B 116 -1.64 9.70 16.79
N ASN B 117 -2.76 10.45 16.89
CA ASN B 117 -2.81 11.93 16.89
C ASN B 117 -3.14 12.42 18.29
N ILE B 118 -2.41 13.45 18.74
CA ILE B 118 -2.75 14.07 20.01
C ILE B 118 -2.90 15.55 19.73
N LEU B 119 -4.11 16.07 19.93
CA LEU B 119 -4.37 17.49 19.76
C LEU B 119 -4.63 18.19 21.13
N GLU B 120 -3.78 19.16 21.43
CA GLU B 120 -3.90 19.92 22.63
C GLU B 120 -4.80 21.10 22.26
N VAL B 121 -5.87 21.25 23.05
CA VAL B 121 -6.83 22.31 22.83
C VAL B 121 -6.87 23.23 24.09
N PRO B 122 -6.18 24.37 24.01
CA PRO B 122 -6.02 25.24 25.19
C PRO B 122 -7.21 26.17 25.35
N ARG B 137 -0.96 19.94 18.02
CA ARG B 137 -1.27 18.67 17.32
C ARG B 137 -0.06 17.86 16.96
N SER B 138 0.14 16.75 17.68
CA SER B 138 1.18 15.77 17.37
C SER B 138 0.67 14.44 16.74
N ARG B 139 1.57 13.74 16.07
CA ARG B 139 1.26 12.57 15.28
C ARG B 139 2.36 11.50 15.50
N PHE B 140 1.99 10.33 16.02
CA PHE B 140 2.98 9.25 16.40
C PHE B 140 2.72 7.93 15.64
N LYS B 141 3.78 7.17 15.36
CA LYS B 141 3.61 5.93 14.61
C LYS B 141 3.08 4.88 15.56
N LEU B 142 2.03 4.22 15.11
CA LEU B 142 1.60 3.02 15.76
C LEU B 142 1.88 1.82 14.85
N PHE B 143 2.76 0.93 15.29
CA PHE B 143 3.08 -0.27 14.52
C PHE B 143 2.32 -1.46 15.08
N PHE B 144 1.43 -2.02 14.29
CA PHE B 144 0.81 -3.28 14.68
C PHE B 144 1.70 -4.46 14.24
N ARG B 145 2.02 -5.35 15.19
CA ARG B 145 3.06 -6.34 14.92
C ARG B 145 2.54 -7.72 15.16
N PRO B 146 2.28 -8.47 14.09
CA PRO B 146 1.80 -9.85 14.24
C PRO B 146 2.78 -10.65 15.13
N SER B 147 2.30 -11.58 15.94
CA SER B 147 3.15 -12.22 16.93
C SER B 147 4.40 -12.94 16.45
N GLN B 148 4.34 -13.54 15.27
CA GLN B 148 5.50 -14.31 14.80
C GLN B 148 6.66 -13.41 14.34
N LEU B 149 6.49 -12.10 14.29
CA LEU B 149 7.62 -11.25 13.91
C LEU B 149 8.47 -10.91 15.14
N LYS B 150 9.55 -11.64 15.37
CA LYS B 150 10.35 -11.50 16.57
C LYS B 150 11.70 -10.91 16.29
N SER B 151 11.94 -10.49 15.03
CA SER B 151 13.28 -10.09 14.58
C SER B 151 13.45 -8.63 14.22
N VAL B 152 12.50 -7.79 14.61
CA VAL B 152 12.62 -6.35 14.34
C VAL B 152 14.02 -5.79 14.59
N ASP B 153 14.78 -6.30 15.56
CA ASP B 153 16.02 -5.59 15.95
C ASP B 153 17.16 -5.88 14.95
N SER B 154 16.92 -6.88 14.09
CA SER B 154 17.78 -7.22 13.01
C SER B 154 17.40 -6.55 11.69
N ALA B 155 16.20 -5.99 11.56
CA ALA B 155 15.71 -5.54 10.26
C ALA B 155 16.64 -4.52 9.60
N ALA B 156 17.05 -3.51 10.36
CA ALA B 156 17.81 -2.40 9.74
C ALA B 156 19.14 -2.91 9.16
N GLY B 157 19.63 -3.97 9.78
CA GLY B 157 20.83 -4.62 9.31
C GLY B 157 20.68 -5.31 7.96
N LYS B 158 19.43 -5.60 7.55
CA LYS B 158 19.25 -6.36 6.35
C LYS B 158 18.90 -5.49 5.13
N LEU B 159 18.97 -4.19 5.29
CA LEU B 159 18.53 -3.31 4.24
C LEU B 159 19.55 -3.36 3.09
N GLN B 160 19.07 -3.25 1.85
CA GLN B 160 19.95 -3.38 0.72
C GLN B 160 20.06 -2.07 -0.03
N TRP B 161 21.27 -1.56 -0.15
CA TRP B 161 21.45 -0.23 -0.78
C TRP B 161 22.08 -0.27 -2.15
N LYS B 162 21.71 0.73 -2.96
CA LYS B 162 22.32 0.96 -4.25
C LYS B 162 22.00 2.31 -4.94
N PHE B 163 22.81 2.63 -5.96
CA PHE B 163 22.59 3.77 -6.83
C PHE B 163 21.57 3.47 -7.90
N LEU B 164 20.71 4.45 -8.13
CA LEU B 164 19.97 4.54 -9.38
C LEU B 164 20.55 5.73 -10.12
N THR B 173 22.31 9.50 -8.95
CA THR B 173 22.25 10.77 -8.15
C THR B 173 21.18 10.60 -7.06
N VAL B 174 20.44 9.51 -7.26
CA VAL B 174 19.42 8.96 -6.39
C VAL B 174 19.92 7.60 -5.90
N VAL B 175 19.84 7.37 -4.60
CA VAL B 175 20.13 6.06 -4.09
C VAL B 175 18.84 5.45 -3.64
N GLN B 176 18.81 4.15 -3.61
CA GLN B 176 17.60 3.48 -3.21
C GLN B 176 17.93 2.46 -2.10
N VAL B 177 17.02 2.33 -1.15
CA VAL B 177 17.14 1.22 -0.23
C VAL B 177 15.97 0.27 -0.50
N ASN B 178 16.26 -1.02 -0.42
CA ASN B 178 15.27 -2.06 -0.46
C ASN B 178 15.25 -2.65 0.92
N ASN B 179 14.01 -2.80 1.43
CA ASN B 179 13.69 -3.40 2.73
C ASN B 179 13.08 -4.81 2.54
N PRO B 180 13.92 -5.86 2.64
CA PRO B 180 13.46 -7.21 2.33
C PRO B 180 12.91 -7.90 3.58
N THR B 181 12.53 -7.11 4.60
CA THR B 181 12.01 -7.60 5.86
C THR B 181 10.53 -7.23 6.09
N PRO B 182 9.88 -7.88 7.07
CA PRO B 182 8.48 -7.58 7.49
C PRO B 182 8.32 -6.30 8.33
N TYR B 183 9.41 -5.60 8.65
CA TYR B 183 9.31 -4.44 9.53
C TYR B 183 9.47 -3.09 8.85
N TYR B 184 8.82 -2.07 9.41
CA TYR B 184 9.07 -0.70 9.03
C TYR B 184 10.43 -0.39 9.58
N VAL B 185 11.21 0.40 8.82
CA VAL B 185 12.50 0.89 9.32
C VAL B 185 12.48 2.40 9.23
N SER B 186 12.69 3.06 10.35
CA SER B 186 12.63 4.53 10.47
C SER B 186 14.03 5.05 10.63
N PHE B 187 14.40 5.93 9.73
CA PHE B 187 15.70 6.57 9.76
C PHE B 187 15.62 7.90 10.46
N ALA B 188 16.50 8.11 11.43
CA ALA B 188 16.77 9.46 11.90
C ALA B 188 17.72 10.22 10.98
N SER B 189 18.50 9.51 10.18
CA SER B 189 19.34 10.21 9.22
C SER B 189 19.93 9.23 8.26
N VAL B 190 20.23 9.70 7.06
CA VAL B 190 20.84 8.89 6.06
C VAL B 190 21.91 9.73 5.39
N GLU B 191 23.14 9.20 5.29
CA GLU B 191 24.27 10.00 4.82
C GLU B 191 25.04 9.24 3.77
N LEU B 192 25.54 9.95 2.77
CA LEU B 192 26.46 9.36 1.83
C LEU B 192 27.81 9.87 2.18
N ILE B 193 28.78 8.96 2.23
CA ILE B 193 30.14 9.29 2.62
C ILE B 193 31.06 8.87 1.51
N VAL B 194 32.05 9.72 1.24
CA VAL B 194 32.97 9.60 0.13
C VAL B 194 34.23 10.19 0.76
N ASP B 195 35.27 9.38 0.97
CA ASP B 195 36.52 9.84 1.62
C ASP B 195 36.32 10.84 2.77
N GLY B 196 35.40 10.53 3.69
CA GLY B 196 35.20 11.27 4.95
C GLY B 196 34.27 12.47 4.84
N ARG B 197 33.99 12.88 3.60
CA ARG B 197 33.03 13.93 3.29
C ARG B 197 31.62 13.42 3.50
N VAL B 198 30.82 14.11 4.31
CA VAL B 198 29.47 13.63 4.58
C VAL B 198 28.46 14.46 3.78
N MET B 199 27.64 13.81 2.95
CA MET B 199 26.48 14.49 2.35
C MET B 199 25.22 13.94 2.91
N SER B 200 24.49 14.77 3.58
CA SER B 200 23.25 14.38 4.15
C SER B 200 22.15 14.19 3.07
N VAL B 201 21.46 13.04 3.05
CA VAL B 201 20.33 12.83 2.08
C VAL B 201 18.90 12.75 2.61
N GLY B 202 18.72 13.05 3.90
CA GLY B 202 17.41 13.08 4.49
C GLY B 202 17.11 12.01 5.51
N LYS B 203 15.82 11.79 5.77
CA LYS B 203 15.40 10.80 6.71
C LYS B 203 14.10 10.31 6.12
N GLY B 204 13.33 9.56 6.88
CA GLY B 204 12.10 9.05 6.37
C GLY B 204 11.96 7.63 6.91
N MET B 205 11.22 6.82 6.19
CA MET B 205 10.87 5.56 6.69
C MET B 205 10.71 4.68 5.48
N VAL B 206 11.05 3.39 5.60
CA VAL B 206 10.81 2.41 4.52
C VAL B 206 9.90 1.29 5.04
N ALA B 207 8.88 1.00 4.27
CA ALA B 207 7.83 0.10 4.70
C ALA B 207 8.28 -1.37 4.50
N PRO B 208 7.60 -2.34 5.17
CA PRO B 208 8.03 -3.76 4.91
C PRO B 208 8.02 -4.07 3.44
N PHE B 209 9.00 -4.85 2.99
CA PHE B 209 9.04 -5.32 1.62
C PHE B 209 8.80 -4.18 0.60
N SER B 210 9.50 -3.05 0.79
CA SER B 210 9.30 -1.88 -0.08
C SER B 210 10.63 -1.21 -0.31
N THR B 211 10.66 -0.25 -1.22
CA THR B 211 11.90 0.50 -1.41
C THR B 211 11.66 1.93 -0.98
N LYS B 212 12.72 2.73 -0.88
CA LYS B 212 12.62 4.15 -0.67
C LYS B 212 13.77 4.78 -1.41
N GLU B 213 13.54 5.95 -1.98
CA GLU B 213 14.58 6.67 -2.68
C GLU B 213 15.07 7.88 -1.89
N PHE B 214 16.36 8.20 -2.05
CA PHE B 214 16.97 9.39 -1.48
C PHE B 214 17.74 10.07 -2.58
N ASP B 215 17.81 11.39 -2.55
CA ASP B 215 18.68 12.02 -3.53
C ASP B 215 19.56 13.16 -3.02
N TRP B 216 20.78 13.20 -3.55
CA TRP B 216 21.75 14.29 -3.35
C TRP B 216 21.35 15.49 -4.21
N ALA B 225 31.25 5.98 -6.03
CA ALA B 225 32.31 6.03 -5.00
C ALA B 225 31.79 5.92 -3.53
N ALA B 226 30.66 6.58 -3.28
CA ALA B 226 30.16 6.67 -1.92
C ALA B 226 29.91 5.35 -1.14
N SER B 227 29.90 5.48 0.18
CA SER B 227 29.33 4.49 1.08
C SER B 227 28.12 5.20 1.69
N VAL B 228 27.23 4.47 2.33
CA VAL B 228 26.06 5.06 2.98
C VAL B 228 26.04 4.77 4.48
N ARG B 229 25.70 5.76 5.30
CA ARG B 229 25.67 5.57 6.76
C ARG B 229 24.29 5.98 7.25
N TYR B 230 23.63 5.15 8.06
CA TYR B 230 22.29 5.47 8.45
C TYR B 230 22.00 5.11 9.86
N GLU B 231 21.17 5.93 10.51
CA GLU B 231 20.83 5.73 11.91
C GLU B 231 19.37 5.50 11.94
N VAL B 232 18.96 4.48 12.69
CA VAL B 232 17.58 4.05 12.71
C VAL B 232 16.98 4.12 14.12
N ILE B 233 15.67 4.35 14.21
CA ILE B 233 15.00 4.47 15.47
C ILE B 233 14.39 3.16 15.91
N ASN B 234 14.76 2.63 17.09
CA ASN B 234 14.19 1.33 17.55
C ASN B 234 12.85 1.55 18.20
N ASP B 235 12.24 0.46 18.72
CA ASP B 235 10.95 0.43 19.36
C ASP B 235 10.83 1.37 20.57
N TYR B 236 11.97 1.71 21.20
CA TYR B 236 11.97 2.51 22.44
C TYR B 236 12.52 3.92 22.25
N GLY B 237 12.67 4.35 21.01
CA GLY B 237 13.15 5.71 20.78
C GLY B 237 14.68 5.80 20.63
N GLY B 238 15.41 4.78 21.04
CA GLY B 238 16.85 4.72 20.80
C GLY B 238 17.28 4.65 19.34
N ARG B 239 18.57 4.89 19.10
CA ARG B 239 19.14 4.85 17.78
C ARG B 239 20.28 3.79 17.58
N ASN B 240 20.37 3.25 16.38
CA ASN B 240 21.46 2.39 16.04
C ASN B 240 21.99 2.86 14.71
N THR B 241 23.28 2.65 14.44
CA THR B 241 23.84 3.15 13.21
C THR B 241 24.45 1.99 12.40
N HIS B 242 24.55 2.18 11.08
CA HIS B 242 25.01 1.15 10.17
C HIS B 242 25.69 1.84 9.01
N ASP B 243 26.73 1.18 8.50
CA ASP B 243 27.39 1.60 7.25
C ASP B 243 27.27 0.48 6.22
N ARG B 244 27.02 0.83 4.96
CA ARG B 244 27.00 -0.15 3.89
C ARG B 244 27.67 0.44 2.67
N ALA B 245 28.14 -0.43 1.78
CA ALA B 245 28.66 0.03 0.52
C ALA B 245 27.46 0.13 -0.43
N LEU B 246 27.58 0.97 -1.45
CA LEU B 246 26.50 1.08 -2.42
C LEU B 246 26.63 0.05 -3.51
#